data_4FYU
#
_entry.id   4FYU
#
_cell.length_a   112.610
_cell.length_b   112.610
_cell.length_c   162.050
_cell.angle_alpha   90.00
_cell.angle_beta   90.00
_cell.angle_gamma   90.00
#
_symmetry.space_group_name_H-M   'I 4 2 2'
#
loop_
_entity.id
_entity.type
_entity.pdbx_description
1 polymer Thioredoxin
2 non-polymer GLYCEROL
3 non-polymer DI(HYDROXYETHYL)ETHER
4 water water
#
_entity_poly.entity_id   1
_entity_poly.type   'polypeptide(L)'
_entity_poly.pdbx_seq_one_letter_code
;MADLLANIDLKKADGTVKKGSDALANKKVVALYFSAHWCPPCRQFTPILKEFYEEVDDDQFEIVFVSLDHSEEDLNNYVK
ESHGDWYHVPFGSSEIEKLKNKYEVAGIPMLIVIKSDGNVITKNGRADVSGKAPPQTLSSWLAAA
;
_entity_poly.pdbx_strand_id   A,B,C
#
loop_
_chem_comp.id
_chem_comp.type
_chem_comp.name
_chem_comp.formula
GOL non-polymer GLYCEROL 'C3 H8 O3'
PEG non-polymer DI(HYDROXYETHYL)ETHER 'C4 H10 O3'
#
# COMPACT_ATOMS: atom_id res chain seq x y z
N ALA A 2 -9.49 23.58 6.96
CA ALA A 2 -9.68 22.13 6.78
C ALA A 2 -8.35 21.62 6.20
N ASP A 3 -7.88 20.46 6.67
CA ASP A 3 -6.73 19.80 6.05
C ASP A 3 -7.02 18.37 5.85
N LEU A 4 -6.85 17.97 4.60
CA LEU A 4 -7.22 16.67 4.08
C LEU A 4 -6.94 15.47 4.98
N LEU A 5 -5.71 15.40 5.47
CA LEU A 5 -5.26 14.18 6.14
C LEU A 5 -5.18 14.35 7.66
N ALA A 6 -5.91 15.35 8.19
CA ALA A 6 -5.82 15.69 9.64
C ALA A 6 -5.91 14.46 10.55
N ASN A 7 -6.79 13.52 10.22
CA ASN A 7 -7.09 12.41 11.10
C ASN A 7 -6.55 11.04 10.66
N ILE A 8 -5.70 11.05 9.65
CA ILE A 8 -5.17 9.81 9.08
C ILE A 8 -3.82 9.51 9.67
N ASP A 9 -3.58 8.25 9.99
CA ASP A 9 -2.28 7.77 10.40
C ASP A 9 -1.28 7.76 9.24
N LEU A 10 -0.14 8.42 9.45
CA LEU A 10 0.94 8.51 8.46
C LEU A 10 2.26 8.07 9.11
N LYS A 11 3.08 7.35 8.39
CA LYS A 11 4.16 6.63 8.98
C LYS A 11 5.48 7.07 8.26
N LYS A 12 6.60 7.01 8.97
CA LYS A 12 7.97 7.17 8.37
C LYS A 12 8.71 5.87 8.33
N ALA A 13 9.80 5.89 7.59
CA ALA A 13 10.69 4.70 7.47
C ALA A 13 11.18 4.14 8.80
N ASP A 14 11.33 5.00 9.82
CA ASP A 14 11.82 4.54 11.14
C ASP A 14 10.73 3.75 11.90
N GLY A 15 9.51 3.67 11.33
CA GLY A 15 8.37 2.94 11.90
C GLY A 15 7.40 3.78 12.74
N THR A 16 7.74 5.02 13.05
CA THR A 16 6.88 5.85 13.88
C THR A 16 5.67 6.29 13.10
N VAL A 17 4.56 6.43 13.80
CA VAL A 17 3.25 6.80 13.23
C VAL A 17 2.81 8.08 13.90
N LYS A 18 2.36 9.07 13.14
CA LYS A 18 1.52 10.06 13.73
C LYS A 18 0.33 10.48 12.86
N LYS A 19 -0.60 11.22 13.47
CA LYS A 19 -1.77 11.78 12.78
C LYS A 19 -1.32 12.83 11.81
N GLY A 20 -2.01 12.92 10.68
CA GLY A 20 -1.69 13.94 9.66
C GLY A 20 -1.70 15.37 10.16
N SER A 21 -2.57 15.70 11.14
CA SER A 21 -2.56 17.04 11.77
C SER A 21 -1.23 17.38 12.44
N ASP A 22 -0.57 16.40 13.02
CA ASP A 22 0.82 16.56 13.50
C ASP A 22 1.92 16.40 12.37
N ALA A 23 1.88 15.35 11.57
CA ALA A 23 2.88 15.13 10.52
C ALA A 23 2.98 16.25 9.49
N LEU A 24 1.83 16.82 9.09
CA LEU A 24 1.76 17.81 8.04
C LEU A 24 1.44 19.23 8.57
N ALA A 25 1.69 19.45 9.85
CA ALA A 25 1.44 20.78 10.38
C ALA A 25 2.45 21.69 9.70
N ASN A 26 2.01 22.90 9.39
CA ASN A 26 2.86 23.86 8.67
C ASN A 26 3.26 23.59 7.25
N LYS A 27 2.66 22.54 6.67
CA LYS A 27 2.91 22.29 5.29
C LYS A 27 1.93 23.09 4.48
N LYS A 28 2.45 23.83 3.55
CA LYS A 28 1.64 24.61 2.63
C LYS A 28 1.31 23.79 1.35
N VAL A 29 2.21 22.88 0.99
CA VAL A 29 2.03 22.10 -0.29
C VAL A 29 2.31 20.68 0.07
N VAL A 30 1.42 19.76 -0.30
CA VAL A 30 1.68 18.35 -0.06
C VAL A 30 1.65 17.71 -1.43
N ALA A 31 2.64 16.84 -1.71
CA ALA A 31 2.59 16.03 -2.92
C ALA A 31 2.23 14.58 -2.61
N LEU A 32 1.08 14.15 -3.11
CA LEU A 32 0.62 12.75 -3.00
C LEU A 32 1.24 11.89 -4.10
N TYR A 33 2.13 10.97 -3.71
CA TYR A 33 2.85 10.16 -4.68
C TYR A 33 2.21 8.74 -4.75
N PHE A 34 1.53 8.45 -5.84
CA PHE A 34 0.92 7.13 -6.02
C PHE A 34 1.91 6.28 -6.83
N SER A 35 2.31 5.14 -6.31
CA SER A 35 3.38 4.36 -6.94
C SER A 35 3.37 2.96 -6.36
N ALA A 36 4.24 2.10 -6.90
CA ALA A 36 4.33 0.73 -6.46
C ALA A 36 5.64 0.15 -6.98
N HIS A 37 6.17 -0.81 -6.24
CA HIS A 37 7.44 -1.43 -6.63
C HIS A 37 7.31 -2.25 -7.88
N TRP A 38 6.10 -2.75 -8.19
CA TRP A 38 5.93 -3.60 -9.40
C TRP A 38 5.96 -2.83 -10.70
N CYS A 39 6.01 -1.49 -10.61
CA CYS A 39 5.81 -0.64 -11.79
C CYS A 39 7.16 -0.08 -12.26
N PRO A 40 7.68 -0.53 -13.43
CA PRO A 40 9.03 -0.08 -13.77
C PRO A 40 9.22 1.46 -13.95
N PRO A 41 8.24 2.15 -14.54
CA PRO A 41 8.34 3.62 -14.54
C PRO A 41 8.34 4.27 -13.19
N CYS A 42 7.62 3.69 -12.26
CA CYS A 42 7.65 4.12 -10.87
C CYS A 42 9.04 4.04 -10.28
N ARG A 43 9.69 2.89 -10.45
CA ARG A 43 10.98 2.71 -9.88
C ARG A 43 11.96 3.64 -10.47
N GLN A 44 11.80 3.99 -11.71
CA GLN A 44 12.73 4.99 -12.31
C GLN A 44 12.46 6.44 -11.85
N PHE A 45 11.22 6.76 -11.58
CA PHE A 45 10.87 8.13 -11.14
C PHE A 45 11.23 8.41 -9.70
N THR A 46 11.11 7.42 -8.83
CA THR A 46 11.31 7.62 -7.41
C THR A 46 12.66 8.28 -7.05
N PRO A 47 13.80 7.82 -7.65
CA PRO A 47 15.08 8.50 -7.34
C PRO A 47 15.15 9.94 -7.75
N ILE A 48 14.50 10.26 -8.85
CA ILE A 48 14.40 11.65 -9.31
C ILE A 48 13.58 12.50 -8.31
N LEU A 49 12.50 11.92 -7.81
CA LEU A 49 11.70 12.54 -6.74
C LEU A 49 12.46 12.73 -5.43
N LYS A 50 13.26 11.74 -5.05
CA LYS A 50 14.10 11.85 -3.86
C LYS A 50 15.14 12.97 -4.01
N GLU A 51 15.80 13.04 -5.17
CA GLU A 51 16.71 14.15 -5.46
C GLU A 51 16.02 15.54 -5.36
N PHE A 52 14.83 15.65 -5.92
CA PHE A 52 14.05 16.88 -5.86
C PHE A 52 13.81 17.28 -4.38
N TYR A 53 13.25 16.33 -3.63
CA TYR A 53 12.92 16.51 -2.25
C TYR A 53 14.10 16.94 -1.38
N GLU A 54 15.21 16.25 -1.53
CA GLU A 54 16.43 16.63 -0.81
C GLU A 54 17.05 17.98 -1.26
N GLU A 55 16.92 18.34 -2.53
CA GLU A 55 17.52 19.63 -3.01
C GLU A 55 16.72 20.81 -2.46
N VAL A 56 15.40 20.74 -2.55
CA VAL A 56 14.58 21.85 -2.10
C VAL A 56 14.62 22.01 -0.58
N ASP A 57 14.67 20.90 0.17
CA ASP A 57 14.98 21.00 1.64
C ASP A 57 14.11 22.14 2.27
N ASP A 58 12.81 21.90 2.18
CA ASP A 58 11.84 22.98 2.48
C ASP A 58 10.76 22.55 3.47
N ASP A 59 10.76 23.14 4.65
CA ASP A 59 9.85 22.68 5.63
C ASP A 59 8.38 23.12 5.40
N GLN A 60 8.09 23.81 4.30
CA GLN A 60 6.74 24.03 3.90
C GLN A 60 6.22 22.96 2.94
N PHE A 61 7.08 21.99 2.61
CA PHE A 61 6.73 20.98 1.60
C PHE A 61 6.87 19.60 2.19
N GLU A 62 5.94 18.73 1.81
CA GLU A 62 5.96 17.32 2.23
C GLU A 62 5.37 16.37 1.18
N ILE A 63 5.91 15.15 1.15
CA ILE A 63 5.47 14.07 0.28
C ILE A 63 4.78 12.99 1.15
N VAL A 64 3.63 12.51 0.67
CA VAL A 64 2.95 11.37 1.25
C VAL A 64 2.84 10.27 0.14
N PHE A 65 3.53 9.13 0.34
CA PHE A 65 3.45 7.95 -0.56
C PHE A 65 2.14 7.19 -0.27
N VAL A 66 1.37 6.98 -1.32
CA VAL A 66 0.13 6.20 -1.30
C VAL A 66 0.37 4.93 -2.15
N SER A 67 0.55 3.82 -1.48
CA SER A 67 1.07 2.59 -2.13
C SER A 67 0.01 1.75 -2.83
N LEU A 68 0.29 1.40 -4.09
CA LEU A 68 -0.47 0.36 -4.85
C LEU A 68 0.31 -0.99 -4.81
N ASP A 69 1.29 -1.12 -3.92
CA ASP A 69 1.97 -2.41 -3.73
C ASP A 69 0.94 -3.45 -3.25
N HIS A 70 1.22 -4.71 -3.55
CA HIS A 70 0.34 -5.84 -3.22
C HIS A 70 0.55 -6.49 -1.86
N SER A 71 1.65 -6.15 -1.14
CA SER A 71 1.79 -6.60 0.20
C SER A 71 2.55 -5.55 1.01
N GLU A 72 2.45 -5.61 2.34
CA GLU A 72 3.17 -4.75 3.26
C GLU A 72 4.68 -4.95 3.15
N GLU A 73 5.09 -6.20 3.02
CA GLU A 73 6.47 -6.47 2.68
C GLU A 73 7.00 -5.67 1.48
N ASP A 74 6.29 -5.68 0.37
CA ASP A 74 6.70 -4.94 -0.84
C ASP A 74 6.72 -3.41 -0.59
N LEU A 75 5.69 -2.93 0.07
CA LEU A 75 5.63 -1.52 0.45
C LEU A 75 6.88 -1.12 1.26
N ASN A 76 7.18 -1.89 2.28
CA ASN A 76 8.25 -1.53 3.19
C ASN A 76 9.63 -1.62 2.52
N ASN A 77 9.80 -2.62 1.68
CA ASN A 77 11.08 -2.77 0.98
C ASN A 77 11.28 -1.65 -0.01
N TYR A 78 10.20 -1.26 -0.71
CA TYR A 78 10.27 -0.18 -1.65
C TYR A 78 10.70 1.12 -0.95
N VAL A 79 10.07 1.44 0.15
CA VAL A 79 10.37 2.64 0.92
C VAL A 79 11.86 2.66 1.33
N LYS A 80 12.28 1.57 1.98
CA LYS A 80 13.65 1.38 2.43
C LYS A 80 14.64 1.50 1.27
N GLU A 81 14.35 0.90 0.13
CA GLU A 81 15.30 0.85 -0.99
C GLU A 81 15.46 2.21 -1.72
N SER A 82 14.36 2.95 -1.92
CA SER A 82 14.33 4.04 -2.87
C SER A 82 13.78 5.40 -2.39
N HIS A 83 12.94 5.44 -1.38
CA HIS A 83 12.25 6.70 -1.03
C HIS A 83 13.10 7.59 -0.16
N GLY A 84 12.88 8.88 -0.28
CA GLY A 84 13.40 9.84 0.68
C GLY A 84 12.67 9.74 1.96
N ASP A 85 13.07 10.55 2.91
CA ASP A 85 12.57 10.47 4.27
C ASP A 85 11.18 11.15 4.51
N TRP A 86 10.20 10.81 3.70
CA TRP A 86 8.89 11.41 3.73
C TRP A 86 7.87 10.48 4.45
N TYR A 87 6.58 10.68 4.33
CA TYR A 87 5.60 9.89 5.04
C TYR A 87 4.97 8.92 4.07
N HIS A 88 4.34 7.86 4.59
CA HIS A 88 3.48 7.02 3.77
C HIS A 88 2.23 6.53 4.53
N VAL A 89 1.17 6.22 3.80
CA VAL A 89 0.00 5.65 4.41
C VAL A 89 0.24 4.13 4.69
N PRO A 90 -0.09 3.61 5.90
CA PRO A 90 0.15 2.20 6.21
C PRO A 90 -0.57 1.24 5.22
N PHE A 91 0.07 0.14 4.89
CA PHE A 91 -0.54 -0.90 4.13
C PHE A 91 -1.88 -1.29 4.71
N GLY A 92 -2.87 -1.46 3.85
CA GLY A 92 -4.14 -1.98 4.33
C GLY A 92 -5.05 -0.87 4.79
N SER A 93 -4.51 0.33 4.97
CA SER A 93 -5.38 1.42 5.44
C SER A 93 -6.51 1.70 4.46
N SER A 94 -7.71 1.96 4.98
CA SER A 94 -8.82 2.29 4.08
C SER A 94 -8.55 3.61 3.32
N GLU A 95 -7.65 4.43 3.81
CA GLU A 95 -7.33 5.70 3.16
C GLU A 95 -6.69 5.58 1.78
N ILE A 96 -5.99 4.50 1.54
CA ILE A 96 -5.40 4.29 0.24
C ILE A 96 -6.47 4.34 -0.89
N GLU A 97 -7.49 3.52 -0.76
CA GLU A 97 -8.59 3.48 -1.68
C GLU A 97 -9.33 4.86 -1.72
N LYS A 98 -9.56 5.45 -0.57
CA LYS A 98 -10.22 6.72 -0.50
C LYS A 98 -9.45 7.77 -1.31
N LEU A 99 -8.12 7.72 -1.21
CA LEU A 99 -7.32 8.76 -1.93
C LEU A 99 -7.30 8.50 -3.40
N LYS A 100 -7.16 7.24 -3.78
CA LYS A 100 -7.23 6.85 -5.18
C LYS A 100 -8.53 7.25 -5.81
N ASN A 101 -9.62 7.08 -5.08
CA ASN A 101 -10.94 7.48 -5.58
C ASN A 101 -11.09 8.92 -5.70
N LYS A 102 -10.69 9.65 -4.67
CA LYS A 102 -10.76 11.11 -4.66
C LYS A 102 -10.02 11.77 -5.82
N TYR A 103 -8.83 11.31 -6.13
CA TYR A 103 -8.01 11.90 -7.13
C TYR A 103 -8.08 11.17 -8.48
N GLU A 104 -8.97 10.19 -8.55
CA GLU A 104 -9.14 9.43 -9.76
C GLU A 104 -7.76 8.86 -10.30
N VAL A 105 -7.09 8.13 -9.45
CA VAL A 105 -5.85 7.51 -9.81
C VAL A 105 -6.06 6.03 -10.23
N ALA A 106 -5.51 5.69 -11.39
CA ALA A 106 -5.51 4.33 -11.92
C ALA A 106 -4.09 3.97 -12.36
N GLY A 107 -3.63 4.61 -13.44
CA GLY A 107 -2.24 4.45 -13.87
C GLY A 107 -1.24 5.14 -12.94
N ILE A 108 -0.07 4.54 -12.82
CA ILE A 108 0.99 5.08 -11.98
C ILE A 108 2.31 5.02 -12.78
N PRO A 109 3.33 5.81 -12.38
CA PRO A 109 3.40 6.74 -11.26
C PRO A 109 2.49 7.98 -11.42
N MET A 110 2.02 8.55 -10.31
CA MET A 110 1.24 9.79 -10.40
C MET A 110 1.63 10.63 -9.16
N LEU A 111 1.91 11.89 -9.40
CA LEU A 111 2.32 12.78 -8.35
C LEU A 111 1.33 13.97 -8.41
N ILE A 112 0.41 13.99 -7.46
CA ILE A 112 -0.64 14.98 -7.42
C ILE A 112 -0.26 15.99 -6.32
N VAL A 113 -0.14 17.24 -6.73
CA VAL A 113 0.36 18.29 -5.84
C VAL A 113 -0.86 19.01 -5.35
N ILE A 114 -1.07 19.06 -4.04
CA ILE A 114 -2.27 19.66 -3.45
C ILE A 114 -1.94 20.74 -2.41
N LYS A 115 -2.87 21.67 -2.24
CA LYS A 115 -2.93 22.47 -1.06
C LYS A 115 -3.22 21.60 0.16
N SER A 116 -2.98 22.12 1.35
CA SER A 116 -3.12 21.30 2.54
C SER A 116 -4.60 20.91 2.73
N ASP A 117 -5.48 21.76 2.20
CA ASP A 117 -6.93 21.47 2.24
C ASP A 117 -7.41 20.44 1.19
N GLY A 118 -6.51 19.96 0.33
CA GLY A 118 -6.88 18.93 -0.61
C GLY A 118 -7.19 19.32 -2.02
N ASN A 119 -7.45 20.60 -2.27
CA ASN A 119 -7.55 21.07 -3.63
C ASN A 119 -6.27 20.92 -4.44
N VAL A 120 -6.45 20.54 -5.69
CA VAL A 120 -5.35 20.22 -6.61
C VAL A 120 -4.68 21.50 -7.12
N ILE A 121 -3.36 21.59 -6.96
CA ILE A 121 -2.48 22.57 -7.65
C ILE A 121 -2.14 22.08 -8.99
N THR A 122 -1.65 20.82 -9.07
CA THR A 122 -1.49 20.22 -10.35
C THR A 122 -1.54 18.71 -10.22
N LYS A 123 -2.18 18.06 -11.17
CA LYS A 123 -2.05 16.63 -11.34
C LYS A 123 -0.77 16.20 -12.06
N ASN A 124 -0.05 17.17 -12.61
CA ASN A 124 1.12 16.90 -13.44
C ASN A 124 2.44 17.08 -12.70
N GLY A 125 2.50 16.54 -11.49
CA GLY A 125 3.67 16.57 -10.69
C GLY A 125 4.84 15.83 -11.31
N ARG A 126 4.53 14.72 -11.96
CA ARG A 126 5.55 13.90 -12.52
C ARG A 126 6.37 14.67 -13.59
N ALA A 127 5.68 15.29 -14.54
CA ALA A 127 6.33 16.07 -15.56
C ALA A 127 7.07 17.28 -14.96
N ASP A 128 6.45 17.96 -14.02
CA ASP A 128 7.12 19.15 -13.36
C ASP A 128 8.47 18.70 -12.75
N VAL A 129 8.48 17.53 -12.09
CA VAL A 129 9.67 17.01 -11.40
C VAL A 129 10.75 16.43 -12.33
N SER A 130 10.32 15.57 -13.29
CA SER A 130 11.25 14.79 -14.09
C SER A 130 11.48 15.35 -15.50
N GLY A 131 10.59 16.22 -15.91
CA GLY A 131 10.51 16.71 -17.32
C GLY A 131 9.83 15.86 -18.34
N LYS A 132 9.26 14.76 -17.90
CA LYS A 132 8.69 13.71 -18.72
C LYS A 132 7.41 13.10 -18.10
N ALA A 133 6.53 12.60 -18.96
CA ALA A 133 5.31 11.90 -18.57
C ALA A 133 4.70 11.29 -19.82
N PRO A 134 5.12 10.07 -20.15
CA PRO A 134 4.78 9.46 -21.44
C PRO A 134 3.26 9.27 -21.68
N PRO A 135 2.48 8.84 -20.70
CA PRO A 135 1.06 8.64 -21.08
C PRO A 135 0.35 9.93 -21.51
N GLN A 136 0.62 11.02 -20.82
CA GLN A 136 -0.04 12.30 -21.08
C GLN A 136 0.48 12.88 -22.41
N THR A 137 1.74 12.64 -22.71
CA THR A 137 2.37 13.08 -23.95
C THR A 137 1.72 12.33 -25.13
N LEU A 138 1.61 10.99 -25.05
CA LEU A 138 1.02 10.27 -26.13
C LEU A 138 -0.44 10.66 -26.29
N SER A 139 -1.15 10.85 -25.19
CA SER A 139 -2.52 11.33 -25.28
C SER A 139 -2.71 12.68 -26.00
N SER A 140 -1.84 13.65 -25.81
CA SER A 140 -2.00 14.88 -26.53
C SER A 140 -1.59 14.71 -27.99
N TRP A 141 -0.68 13.78 -28.27
CA TRP A 141 -0.39 13.47 -29.68
C TRP A 141 -1.63 12.85 -30.37
N LEU A 142 -2.27 11.90 -29.70
CA LEU A 142 -3.44 11.22 -30.26
C LEU A 142 -4.56 12.18 -30.48
N ALA A 143 -4.76 13.09 -29.53
CA ALA A 143 -5.83 14.12 -29.59
C ALA A 143 -5.64 15.17 -30.68
N ALA A 144 -4.42 15.32 -31.17
CA ALA A 144 -4.14 16.07 -32.36
C ALA A 144 -4.08 15.27 -33.66
N ALA A 145 -4.43 13.97 -33.68
CA ALA A 145 -4.17 13.12 -34.89
C ALA A 145 -5.37 12.83 -35.81
N ALA B 2 -4.64 4.12 -28.13
CA ALA B 2 -4.94 2.64 -27.98
C ALA B 2 -6.43 2.34 -28.29
N ASP B 3 -6.70 1.55 -29.33
CA ASP B 3 -8.10 1.19 -29.69
C ASP B 3 -8.51 -0.06 -28.88
N LEU B 4 -8.84 0.17 -27.61
CA LEU B 4 -8.96 -0.96 -26.68
C LEU B 4 -10.14 -1.89 -27.02
N LEU B 5 -11.17 -1.35 -27.69
CA LEU B 5 -12.33 -2.16 -27.94
C LEU B 5 -12.28 -2.91 -29.30
N ALA B 6 -11.25 -2.67 -30.14
CA ALA B 6 -11.15 -3.37 -31.44
C ALA B 6 -10.94 -4.89 -31.30
N ASN B 7 -9.94 -5.29 -30.51
CA ASN B 7 -9.58 -6.73 -30.34
C ASN B 7 -10.02 -7.45 -29.06
N ILE B 8 -10.70 -6.72 -28.18
CA ILE B 8 -11.21 -7.26 -26.92
C ILE B 8 -12.49 -8.07 -27.11
N ASP B 9 -12.49 -9.29 -26.57
CA ASP B 9 -13.63 -10.17 -26.58
C ASP B 9 -14.74 -9.55 -25.83
N LEU B 10 -15.93 -9.66 -26.38
CA LEU B 10 -17.08 -9.17 -25.71
C LEU B 10 -18.12 -10.24 -25.69
N LYS B 11 -18.72 -10.43 -24.52
CA LYS B 11 -19.74 -11.42 -24.34
C LYS B 11 -21.12 -10.91 -24.10
N LYS B 12 -22.07 -11.74 -24.43
CA LYS B 12 -23.43 -11.47 -24.01
C LYS B 12 -23.90 -12.46 -22.95
N ALA B 13 -25.02 -12.15 -22.31
CA ALA B 13 -25.53 -13.01 -21.26
C ALA B 13 -25.86 -14.43 -21.78
N ASP B 14 -26.12 -14.61 -23.06
CA ASP B 14 -26.31 -15.96 -23.59
C ASP B 14 -25.01 -16.74 -23.80
N GLY B 15 -23.86 -16.15 -23.50
CA GLY B 15 -22.59 -16.86 -23.58
C GLY B 15 -21.87 -16.61 -24.89
N THR B 16 -22.55 -16.06 -25.89
CA THR B 16 -21.88 -15.82 -27.19
C THR B 16 -20.80 -14.77 -27.02
N VAL B 17 -19.65 -14.96 -27.67
CA VAL B 17 -18.50 -14.06 -27.61
C VAL B 17 -18.32 -13.49 -29.01
N LYS B 18 -17.91 -12.25 -29.15
CA LYS B 18 -17.50 -11.68 -30.42
C LYS B 18 -16.34 -10.74 -30.25
N LYS B 19 -15.61 -10.42 -31.30
CA LYS B 19 -14.56 -9.38 -31.19
C LYS B 19 -15.26 -7.99 -31.15
N GLY B 20 -14.69 -7.07 -30.39
CA GLY B 20 -15.28 -5.75 -30.25
C GLY B 20 -15.45 -5.05 -31.61
N SER B 21 -14.51 -5.24 -32.53
CA SER B 21 -14.63 -4.59 -33.82
C SER B 21 -15.85 -5.10 -34.55
N ASP B 22 -16.31 -6.31 -34.26
CA ASP B 22 -17.58 -6.83 -34.84
C ASP B 22 -18.80 -6.43 -34.01
N ALA B 23 -18.76 -6.71 -32.72
CA ALA B 23 -19.82 -6.32 -31.80
C ALA B 23 -20.23 -4.87 -31.93
N LEU B 24 -19.27 -4.00 -32.11
CA LEU B 24 -19.48 -2.57 -32.02
C LEU B 24 -19.45 -1.91 -33.40
N ALA B 25 -19.36 -2.71 -34.49
CA ALA B 25 -19.29 -2.07 -35.79
C ALA B 25 -20.63 -1.36 -35.93
N ASN B 26 -20.53 -0.18 -36.45
CA ASN B 26 -21.69 0.61 -36.72
C ASN B 26 -22.31 1.28 -35.49
N LYS B 27 -21.74 1.05 -34.31
CA LYS B 27 -22.14 1.84 -33.16
C LYS B 27 -21.41 3.18 -33.17
N LYS B 28 -22.18 4.25 -33.09
CA LYS B 28 -21.71 5.63 -33.09
C LYS B 28 -21.32 6.14 -31.65
N VAL B 29 -22.06 5.67 -30.65
CA VAL B 29 -21.80 5.94 -29.22
C VAL B 29 -21.84 4.60 -28.44
N VAL B 30 -20.81 4.39 -27.62
CA VAL B 30 -20.66 3.27 -26.72
C VAL B 30 -20.48 3.83 -25.28
N ALA B 31 -21.23 3.30 -24.34
CA ALA B 31 -21.09 3.69 -22.94
C ALA B 31 -20.40 2.55 -22.19
N LEU B 32 -19.22 2.84 -21.67
CA LEU B 32 -18.48 1.92 -20.81
C LEU B 32 -19.00 2.03 -19.39
N TYR B 33 -19.58 0.94 -18.86
CA TYR B 33 -20.14 0.93 -17.54
C TYR B 33 -19.24 0.17 -16.58
N PHE B 34 -18.53 0.90 -15.74
CA PHE B 34 -17.66 0.35 -14.68
C PHE B 34 -18.46 0.15 -13.37
N SER B 35 -18.59 -1.09 -12.93
CA SER B 35 -19.48 -1.38 -11.84
C SER B 35 -19.17 -2.75 -11.23
N ALA B 36 -19.79 -3.07 -10.09
CA ALA B 36 -19.66 -4.36 -9.43
C ALA B 36 -20.86 -4.57 -8.53
N HIS B 37 -21.19 -5.81 -8.26
CA HIS B 37 -22.34 -6.17 -7.45
C HIS B 37 -22.14 -5.86 -5.98
N TRP B 38 -20.89 -5.87 -5.54
CA TRP B 38 -20.54 -5.56 -4.13
C TRP B 38 -20.72 -4.09 -3.76
N CYS B 39 -20.92 -3.25 -4.76
CA CYS B 39 -21.00 -1.82 -4.51
C CYS B 39 -22.46 -1.39 -4.40
N PRO B 40 -22.85 -0.82 -3.25
CA PRO B 40 -24.28 -0.47 -3.14
C PRO B 40 -24.82 0.62 -4.12
N PRO B 41 -24.09 1.74 -4.35
CA PRO B 41 -24.64 2.69 -5.38
C PRO B 41 -24.67 2.13 -6.79
N CYS B 42 -23.79 1.15 -7.08
CA CYS B 42 -23.86 0.44 -8.36
C CYS B 42 -25.15 -0.35 -8.51
N ARG B 43 -25.54 -1.06 -7.45
CA ARG B 43 -26.76 -1.82 -7.49
C ARG B 43 -27.99 -0.93 -7.67
N GLN B 44 -27.98 0.27 -7.10
CA GLN B 44 -29.07 1.24 -7.36
C GLN B 44 -29.13 1.79 -8.79
N PHE B 45 -27.98 2.07 -9.38
CA PHE B 45 -27.86 2.69 -10.70
C PHE B 45 -28.16 1.73 -11.84
N THR B 46 -27.75 0.48 -11.73
CA THR B 46 -27.88 -0.46 -12.82
C THR B 46 -29.32 -0.58 -13.38
N PRO B 47 -30.36 -0.64 -12.54
CA PRO B 47 -31.73 -0.72 -13.07
C PRO B 47 -32.16 0.53 -13.81
N ILE B 48 -31.64 1.66 -13.40
CA ILE B 48 -31.86 2.91 -14.11
C ILE B 48 -31.19 2.85 -15.46
N LEU B 49 -29.96 2.33 -15.53
CA LEU B 49 -29.30 2.16 -16.83
C LEU B 49 -30.07 1.19 -17.76
N LYS B 50 -30.54 0.09 -17.21
CA LYS B 50 -31.33 -0.87 -17.98
C LYS B 50 -32.56 -0.19 -18.54
N GLU B 51 -33.28 0.57 -17.72
CA GLU B 51 -34.44 1.31 -18.23
C GLU B 51 -34.10 2.24 -19.37
N PHE B 52 -32.95 2.89 -19.27
CA PHE B 52 -32.49 3.85 -20.28
C PHE B 52 -32.25 3.16 -21.60
N TYR B 53 -31.50 2.06 -21.54
CA TYR B 53 -31.13 1.28 -22.68
C TYR B 53 -32.35 0.78 -23.40
N GLU B 54 -33.31 0.25 -22.65
CA GLU B 54 -34.48 -0.37 -23.27
C GLU B 54 -35.40 0.69 -23.87
N GLU B 55 -35.46 1.87 -23.25
CA GLU B 55 -36.32 2.95 -23.73
C GLU B 55 -35.83 3.50 -25.06
N VAL B 56 -34.53 3.79 -25.11
CA VAL B 56 -33.93 4.41 -26.29
C VAL B 56 -34.00 3.46 -27.46
N ASP B 57 -33.68 2.20 -27.21
CA ASP B 57 -33.77 1.16 -28.20
C ASP B 57 -33.25 1.60 -29.58
N ASP B 58 -31.97 1.96 -29.60
CA ASP B 58 -31.34 2.65 -30.72
C ASP B 58 -30.14 1.85 -31.20
N ASP B 59 -30.19 1.43 -32.45
CA ASP B 59 -29.16 0.59 -33.07
C ASP B 59 -27.84 1.24 -33.15
N GLN B 60 -27.74 2.55 -32.98
CA GLN B 60 -26.43 3.23 -32.98
C GLN B 60 -25.68 3.28 -31.63
N PHE B 61 -26.33 2.77 -30.59
CA PHE B 61 -25.88 2.95 -29.17
C PHE B 61 -25.61 1.56 -28.64
N GLU B 62 -24.54 1.37 -27.91
CA GLU B 62 -24.33 0.12 -27.19
C GLU B 62 -23.64 0.38 -25.83
N ILE B 63 -23.88 -0.53 -24.88
CA ILE B 63 -23.21 -0.52 -23.58
C ILE B 63 -22.28 -1.71 -23.47
N VAL B 64 -21.06 -1.46 -22.98
CA VAL B 64 -20.14 -2.47 -22.50
C VAL B 64 -19.93 -2.38 -20.98
N PHE B 65 -20.31 -3.41 -20.26
CA PHE B 65 -20.05 -3.57 -18.83
C PHE B 65 -18.60 -4.00 -18.60
N VAL B 66 -17.88 -3.20 -17.80
CA VAL B 66 -16.51 -3.51 -17.39
C VAL B 66 -16.50 -3.79 -15.87
N SER B 67 -16.37 -5.08 -15.54
CA SER B 67 -16.66 -5.60 -14.18
C SER B 67 -15.54 -5.37 -13.20
N LEU B 68 -15.85 -4.86 -12.00
CA LEU B 68 -14.89 -4.87 -10.90
C LEU B 68 -15.27 -5.89 -9.84
N ASP B 69 -16.14 -6.84 -10.23
CA ASP B 69 -16.42 -8.03 -9.47
C ASP B 69 -15.18 -8.93 -9.36
N HIS B 70 -15.12 -9.71 -8.30
CA HIS B 70 -13.85 -10.42 -7.96
C HIS B 70 -13.92 -11.89 -8.37
N SER B 71 -14.99 -12.27 -9.05
CA SER B 71 -15.04 -13.61 -9.60
C SER B 71 -15.94 -13.61 -10.80
N GLU B 72 -15.70 -14.57 -11.68
CA GLU B 72 -16.57 -14.77 -12.78
C GLU B 72 -18.02 -15.12 -12.38
N GLU B 73 -18.18 -15.91 -11.31
CA GLU B 73 -19.52 -16.24 -10.78
C GLU B 73 -20.28 -14.96 -10.28
N ASP B 74 -19.59 -14.08 -9.56
CA ASP B 74 -20.28 -12.81 -9.18
C ASP B 74 -20.68 -11.97 -10.42
N LEU B 75 -19.77 -11.89 -11.38
CA LEU B 75 -20.06 -11.14 -12.62
C LEU B 75 -21.30 -11.70 -13.27
N ASN B 76 -21.33 -13.01 -13.53
CA ASN B 76 -22.53 -13.62 -14.10
C ASN B 76 -23.82 -13.48 -13.35
N ASN B 77 -23.81 -13.65 -12.04
CA ASN B 77 -24.98 -13.42 -11.21
C ASN B 77 -25.50 -11.99 -11.31
N TYR B 78 -24.57 -11.06 -11.39
CA TYR B 78 -24.96 -9.62 -11.42
C TYR B 78 -25.63 -9.34 -12.77
N VAL B 79 -24.98 -9.76 -13.85
CA VAL B 79 -25.51 -9.58 -15.21
C VAL B 79 -26.92 -10.17 -15.33
N LYS B 80 -27.08 -11.42 -14.88
CA LYS B 80 -28.41 -12.05 -14.88
C LYS B 80 -29.42 -11.30 -14.05
N GLU B 81 -29.04 -10.93 -12.83
CA GLU B 81 -29.98 -10.31 -11.94
C GLU B 81 -30.51 -8.96 -12.42
N SER B 82 -29.64 -8.14 -13.01
CA SER B 82 -30.02 -6.76 -13.18
C SER B 82 -29.63 -6.07 -14.45
N HIS B 83 -28.73 -6.62 -15.22
CA HIS B 83 -28.27 -5.88 -16.42
C HIS B 83 -29.22 -6.03 -17.60
N GLY B 84 -29.14 -5.07 -18.53
CA GLY B 84 -29.86 -5.20 -19.81
C GLY B 84 -29.06 -6.09 -20.74
N ASP B 85 -29.58 -6.32 -21.94
CA ASP B 85 -28.99 -7.24 -22.90
C ASP B 85 -27.84 -6.66 -23.68
N TRP B 86 -26.86 -6.11 -22.95
CA TRP B 86 -25.72 -5.50 -23.55
C TRP B 86 -24.47 -6.41 -23.47
N TYR B 87 -23.31 -5.91 -23.83
CA TYR B 87 -22.12 -6.71 -23.79
C TYR B 87 -21.32 -6.52 -22.48
N HIS B 88 -20.46 -7.47 -22.15
CA HIS B 88 -19.49 -7.32 -21.06
C HIS B 88 -18.10 -7.88 -21.40
N VAL B 89 -17.07 -7.33 -20.79
CA VAL B 89 -15.74 -7.85 -20.99
C VAL B 89 -15.62 -9.10 -20.06
N PRO B 90 -15.11 -10.25 -20.56
CA PRO B 90 -15.01 -11.43 -19.68
C PRO B 90 -14.08 -11.21 -18.44
N PHE B 91 -14.49 -11.78 -17.32
CA PHE B 91 -13.66 -11.83 -16.12
C PHE B 91 -12.23 -12.26 -16.43
N GLY B 92 -11.28 -11.55 -15.84
CA GLY B 92 -9.90 -11.90 -16.00
C GLY B 92 -9.22 -11.23 -17.16
N SER B 93 -9.96 -10.61 -18.06
CA SER B 93 -9.31 -10.06 -19.23
C SER B 93 -8.30 -8.97 -18.90
N SER B 94 -7.15 -9.02 -19.55
CA SER B 94 -6.11 -8.02 -19.32
C SER B 94 -6.64 -6.64 -19.72
N GLU B 95 -7.71 -6.57 -20.52
CA GLU B 95 -8.17 -5.23 -20.97
C GLU B 95 -8.92 -4.41 -19.89
N ILE B 96 -9.38 -5.07 -18.83
CA ILE B 96 -10.09 -4.37 -17.74
C ILE B 96 -9.18 -3.30 -17.11
N GLU B 97 -7.97 -3.69 -16.70
CA GLU B 97 -7.02 -2.73 -16.13
C GLU B 97 -6.64 -1.67 -17.13
N LYS B 98 -6.44 -2.02 -18.40
CA LYS B 98 -6.08 -1.02 -19.43
C LYS B 98 -7.23 -0.05 -19.65
N LEU B 99 -8.48 -0.50 -19.57
CA LEU B 99 -9.63 0.40 -19.71
C LEU B 99 -9.72 1.33 -18.51
N LYS B 100 -9.55 0.81 -17.31
CA LYS B 100 -9.47 1.69 -16.14
C LYS B 100 -8.35 2.69 -16.25
N ASN B 101 -7.16 2.28 -16.67
CA ASN B 101 -6.05 3.25 -16.79
C ASN B 101 -6.33 4.28 -17.87
N LYS B 102 -6.81 3.86 -19.04
CA LYS B 102 -7.07 4.79 -20.13
C LYS B 102 -8.04 5.87 -19.67
N TYR B 103 -9.14 5.43 -19.03
CA TYR B 103 -10.21 6.39 -18.69
C TYR B 103 -10.19 6.96 -17.28
N GLU B 104 -9.12 6.69 -16.53
CA GLU B 104 -8.91 7.15 -15.14
C GLU B 104 -10.08 6.81 -14.21
N VAL B 105 -10.35 5.51 -14.15
CA VAL B 105 -11.40 5.02 -13.31
C VAL B 105 -10.87 4.52 -12.00
N ALA B 106 -11.44 5.00 -10.90
CA ALA B 106 -11.15 4.48 -9.58
C ALA B 106 -12.45 4.10 -8.86
N GLY B 107 -13.23 5.12 -8.53
CA GLY B 107 -14.54 4.96 -7.93
C GLY B 107 -15.62 4.52 -8.93
N ILE B 108 -16.53 3.71 -8.44
CA ILE B 108 -17.69 3.23 -9.18
C ILE B 108 -18.97 3.47 -8.39
N PRO B 109 -20.13 3.52 -9.12
CA PRO B 109 -20.33 3.34 -10.54
C PRO B 109 -19.80 4.51 -11.41
N MET B 110 -19.39 4.22 -12.62
CA MET B 110 -18.86 5.20 -13.56
C MET B 110 -19.38 4.81 -14.95
N LEU B 111 -19.94 5.79 -15.70
CA LEU B 111 -20.42 5.49 -17.02
C LEU B 111 -19.78 6.48 -17.96
N ILE B 112 -18.84 5.99 -18.77
CA ILE B 112 -18.00 6.82 -19.59
C ILE B 112 -18.44 6.67 -21.02
N VAL B 113 -18.86 7.78 -21.60
CA VAL B 113 -19.55 7.79 -22.91
C VAL B 113 -18.50 8.12 -23.95
N ILE B 114 -18.35 7.22 -24.93
CA ILE B 114 -17.27 7.30 -25.89
C ILE B 114 -17.72 7.22 -27.35
N LYS B 115 -16.90 7.78 -28.23
CA LYS B 115 -17.06 7.66 -29.68
C LYS B 115 -16.53 6.33 -30.17
N SER B 116 -16.75 6.03 -31.45
CA SER B 116 -16.28 4.76 -32.03
C SER B 116 -14.77 4.68 -32.09
N ASP B 117 -14.06 5.82 -32.09
CA ASP B 117 -12.62 5.86 -31.99
C ASP B 117 -12.07 5.81 -30.56
N GLY B 118 -12.90 5.64 -29.54
CA GLY B 118 -12.37 5.58 -28.16
C GLY B 118 -12.29 6.86 -27.39
N ASN B 119 -12.40 8.01 -28.05
CA ASN B 119 -12.36 9.32 -27.36
C ASN B 119 -13.61 9.61 -26.57
N VAL B 120 -13.40 10.30 -25.47
CA VAL B 120 -14.45 10.57 -24.48
C VAL B 120 -15.43 11.68 -24.92
N ILE B 121 -16.69 11.31 -24.99
CA ILE B 121 -17.77 12.28 -25.12
C ILE B 121 -18.09 12.93 -23.76
N THR B 122 -18.40 12.15 -22.71
CA THR B 122 -18.45 12.68 -21.38
C THR B 122 -18.08 11.61 -20.40
N LYS B 123 -17.37 11.97 -19.34
CA LYS B 123 -17.13 11.06 -18.23
C LYS B 123 -18.34 11.04 -17.24
N ASN B 124 -19.25 11.99 -17.43
CA ASN B 124 -20.40 12.14 -16.52
C ASN B 124 -21.67 11.51 -17.07
N GLY B 125 -21.58 10.26 -17.49
CA GLY B 125 -22.67 9.54 -17.98
C GLY B 125 -23.67 9.21 -16.87
N ARG B 126 -23.15 8.98 -15.65
CA ARG B 126 -23.95 8.66 -14.52
C ARG B 126 -24.98 9.74 -14.21
N ALA B 127 -24.51 10.97 -14.11
CA ALA B 127 -25.43 12.04 -13.89
C ALA B 127 -26.38 12.26 -15.07
N ASP B 128 -25.92 12.09 -16.30
CA ASP B 128 -26.84 12.22 -17.43
C ASP B 128 -27.96 11.21 -17.34
N VAL B 129 -27.65 9.94 -17.01
CA VAL B 129 -28.64 8.92 -16.94
C VAL B 129 -29.63 9.04 -15.75
N SER B 130 -29.09 9.35 -14.56
CA SER B 130 -29.83 9.28 -13.29
C SER B 130 -30.17 10.59 -12.70
N GLY B 131 -29.54 11.66 -13.14
CA GLY B 131 -29.73 12.92 -12.51
C GLY B 131 -28.88 13.19 -11.26
N LYS B 132 -28.06 12.23 -10.85
CA LYS B 132 -27.25 12.29 -9.65
C LYS B 132 -25.84 11.67 -9.82
N ALA B 133 -24.89 12.18 -9.08
CA ALA B 133 -23.55 11.64 -8.99
C ALA B 133 -22.83 12.25 -7.77
N PRO B 134 -22.94 11.62 -6.62
CA PRO B 134 -22.49 12.26 -5.43
C PRO B 134 -21.02 12.68 -5.35
N PRO B 135 -20.06 11.82 -5.78
CA PRO B 135 -18.64 12.21 -5.57
C PRO B 135 -18.34 13.51 -6.35
N GLN B 136 -18.94 13.61 -7.54
CA GLN B 136 -18.76 14.76 -8.39
C GLN B 136 -19.45 16.03 -7.77
N THR B 137 -20.62 15.84 -7.16
CA THR B 137 -21.35 16.94 -6.55
C THR B 137 -20.51 17.47 -5.38
N LEU B 138 -20.05 16.59 -4.54
CA LEU B 138 -19.25 17.00 -3.36
C LEU B 138 -17.94 17.69 -3.80
N SER B 139 -17.34 17.09 -4.82
CA SER B 139 -16.17 17.69 -5.38
C SER B 139 -16.41 19.17 -5.83
N SER B 140 -17.54 19.48 -6.48
CA SER B 140 -17.85 20.84 -6.87
C SER B 140 -18.11 21.75 -5.66
N TRP B 141 -18.74 21.24 -4.59
CA TRP B 141 -18.88 22.01 -3.34
C TRP B 141 -17.49 22.25 -2.72
N LEU B 142 -16.65 21.24 -2.67
CA LEU B 142 -15.38 21.40 -2.04
C LEU B 142 -14.50 22.44 -2.78
N ALA B 143 -14.56 22.45 -4.11
CA ALA B 143 -13.77 23.39 -4.93
C ALA B 143 -14.29 24.79 -4.69
N ALA B 144 -15.54 24.97 -4.23
CA ALA B 144 -16.07 26.29 -4.00
C ALA B 144 -15.96 26.75 -2.60
N ALA B 145 -15.27 26.02 -1.75
CA ALA B 145 -15.36 26.23 -0.32
C ALA B 145 -14.21 27.12 0.18
N ALA C 2 17.18 -30.75 28.40
CA ALA C 2 16.79 -29.49 29.09
C ALA C 2 16.47 -28.35 28.08
N ASP C 3 15.56 -27.44 28.43
CA ASP C 3 15.29 -26.24 27.63
C ASP C 3 15.14 -25.05 28.51
N LEU C 4 16.04 -24.11 28.31
CA LEU C 4 16.15 -22.95 29.12
C LEU C 4 14.79 -22.33 29.31
N LEU C 5 14.05 -22.09 28.25
CA LEU C 5 12.87 -21.26 28.42
C LEU C 5 11.54 -22.05 28.55
N ALA C 6 11.63 -23.38 28.76
CA ALA C 6 10.47 -24.28 28.65
C ALA C 6 9.28 -23.82 29.49
N ASN C 7 9.49 -23.29 30.68
CA ASN C 7 8.33 -22.93 31.48
C ASN C 7 8.19 -21.46 31.63
N ILE C 8 8.81 -20.67 30.75
CA ILE C 8 8.72 -19.22 30.85
C ILE C 8 7.63 -18.73 29.91
N ASP C 9 6.85 -17.76 30.38
CA ASP C 9 5.76 -17.12 29.59
C ASP C 9 6.36 -16.16 28.53
N LEU C 10 6.13 -16.47 27.26
CA LEU C 10 6.53 -15.62 26.11
C LEU C 10 5.32 -15.08 25.36
N LYS C 11 5.48 -13.92 24.74
CA LYS C 11 4.40 -13.19 24.02
C LYS C 11 4.80 -12.75 22.58
N LYS C 12 3.85 -12.81 21.65
CA LYS C 12 3.98 -12.28 20.27
C LYS C 12 3.25 -10.95 20.16
N ALA C 13 3.45 -10.22 19.05
CA ALA C 13 2.84 -8.88 18.89
C ALA C 13 1.30 -8.84 19.06
N ASP C 14 0.65 -9.74 18.31
CA ASP C 14 -0.79 -9.92 18.35
C ASP C 14 -1.22 -9.90 19.79
N GLY C 15 -0.50 -10.63 20.64
CA GLY C 15 -0.75 -10.48 22.04
C GLY C 15 -0.94 -11.80 22.70
N THR C 16 -1.01 -12.85 21.92
CA THR C 16 -1.06 -14.20 22.43
C THR C 16 0.21 -14.61 23.23
N VAL C 17 -0.03 -15.04 24.46
CA VAL C 17 0.95 -15.55 25.41
C VAL C 17 1.01 -17.07 25.50
N LYS C 18 2.21 -17.65 25.49
CA LYS C 18 2.43 -19.08 25.71
C LYS C 18 3.72 -19.44 26.47
N LYS C 19 3.74 -20.59 27.15
CA LYS C 19 4.99 -21.07 27.78
C LYS C 19 6.04 -21.36 26.71
N GLY C 20 7.31 -21.13 27.00
CA GLY C 20 8.34 -21.39 25.99
C GLY C 20 8.40 -22.78 25.37
N SER C 21 8.01 -23.81 26.10
CA SER C 21 8.04 -25.18 25.58
C SER C 21 7.06 -25.34 24.43
N ASP C 22 6.08 -24.46 24.41
CA ASP C 22 5.13 -24.39 23.32
C ASP C 22 5.68 -23.45 22.21
N ALA C 23 5.86 -22.21 22.59
CA ALA C 23 6.34 -21.15 21.68
C ALA C 23 7.62 -21.47 20.93
N LEU C 24 8.56 -22.14 21.60
CA LEU C 24 9.85 -22.41 21.03
C LEU C 24 9.96 -23.85 20.70
N ALA C 25 8.81 -24.56 20.62
CA ALA C 25 8.86 -25.98 20.31
C ALA C 25 9.56 -26.17 18.97
N ASN C 26 10.45 -27.16 18.94
CA ASN C 26 11.30 -27.46 17.79
C ASN C 26 12.39 -26.46 17.37
N LYS C 27 12.59 -25.40 18.16
CA LYS C 27 13.63 -24.42 17.87
C LYS C 27 14.94 -24.99 18.38
N LYS C 28 15.96 -24.97 17.55
CA LYS C 28 17.25 -25.44 17.94
C LYS C 28 18.23 -24.26 18.34
N VAL C 29 18.04 -23.07 17.78
CA VAL C 29 18.85 -21.93 18.14
C VAL C 29 17.92 -20.85 18.45
N VAL C 30 18.13 -20.24 19.60
CA VAL C 30 17.43 -19.11 20.06
C VAL C 30 18.46 -17.98 20.23
N ALA C 31 18.09 -16.82 19.69
CA ALA C 31 18.83 -15.64 19.92
C ALA C 31 18.10 -14.78 20.89
N LEU C 32 18.71 -14.56 22.04
CA LEU C 32 18.19 -13.68 23.07
C LEU C 32 18.59 -12.23 22.76
N TYR C 33 17.65 -11.38 22.40
CA TYR C 33 17.97 -10.00 22.08
C TYR C 33 17.66 -9.06 23.22
N PHE C 34 18.68 -8.52 23.87
CA PHE C 34 18.55 -7.54 24.91
C PHE C 34 18.63 -6.14 24.36
N SER C 35 17.57 -5.36 24.56
CA SER C 35 17.43 -4.08 23.89
C SER C 35 16.33 -3.21 24.56
N ALA C 36 16.16 -2.01 24.05
CA ALA C 36 15.26 -1.00 24.60
C ALA C 36 15.04 0.12 23.56
N HIS C 37 13.86 0.69 23.53
CA HIS C 37 13.58 1.85 22.71
C HIS C 37 14.44 3.06 22.99
N TRP C 38 14.80 3.29 24.23
CA TRP C 38 15.59 4.47 24.61
C TRP C 38 17.04 4.46 24.15
N CYS C 39 17.45 3.38 23.53
CA CYS C 39 18.85 3.12 23.21
C CYS C 39 19.11 3.34 21.71
N PRO C 40 19.76 4.45 21.34
CA PRO C 40 20.01 4.71 19.92
C PRO C 40 20.76 3.60 19.11
N PRO C 41 21.82 2.96 19.65
CA PRO C 41 22.40 1.84 18.88
C PRO C 41 21.48 0.63 18.68
N CYS C 42 20.60 0.40 19.64
CA CYS C 42 19.54 -0.58 19.53
C CYS C 42 18.59 -0.26 18.36
N ARG C 43 18.12 0.97 18.29
CA ARG C 43 17.21 1.33 17.23
C ARG C 43 17.91 1.21 15.87
N GLN C 44 19.22 1.46 15.77
CA GLN C 44 19.89 1.23 14.46
C GLN C 44 20.02 -0.25 14.14
N PHE C 45 20.18 -1.08 15.18
CA PHE C 45 20.46 -2.49 14.95
C PHE C 45 19.20 -3.29 14.65
N THR C 46 18.13 -3.01 15.35
CA THR C 46 16.96 -3.90 15.24
C THR C 46 16.45 -4.12 13.80
N PRO C 47 16.46 -3.09 12.94
CA PRO C 47 16.01 -3.43 11.56
C PRO C 47 16.93 -4.33 10.77
N ILE C 48 18.22 -4.30 11.11
CA ILE C 48 19.17 -5.25 10.54
C ILE C 48 18.88 -6.66 11.06
N LEU C 49 18.55 -6.78 12.34
CA LEU C 49 18.14 -8.11 12.90
C LEU C 49 16.87 -8.63 12.22
N LYS C 50 15.92 -7.72 12.00
CA LYS C 50 14.70 -8.03 11.24
C LYS C 50 14.96 -8.54 9.85
N GLU C 51 15.87 -7.89 9.13
CA GLU C 51 16.26 -8.33 7.78
C GLU C 51 16.83 -9.70 7.79
N PHE C 52 17.73 -9.95 8.76
CA PHE C 52 18.37 -11.27 8.97
C PHE C 52 17.30 -12.40 9.18
N TYR C 53 16.43 -12.17 10.14
CA TYR C 53 15.32 -13.10 10.53
C TYR C 53 14.47 -13.39 9.33
N GLU C 54 14.06 -12.34 8.60
CA GLU C 54 13.24 -12.53 7.39
C GLU C 54 13.91 -13.19 6.21
N GLU C 55 15.20 -12.97 5.99
CA GLU C 55 15.89 -13.68 4.89
C GLU C 55 16.07 -15.18 5.17
N VAL C 56 16.38 -15.44 6.44
CA VAL C 56 16.58 -16.79 6.95
C VAL C 56 15.24 -17.49 7.07
N ASP C 57 14.25 -16.79 7.60
CA ASP C 57 12.84 -17.40 7.71
C ASP C 57 12.93 -18.89 7.99
N ASP C 58 13.53 -19.28 9.12
CA ASP C 58 13.95 -20.67 9.32
C ASP C 58 13.24 -21.25 10.53
N ASP C 59 12.61 -22.43 10.38
CA ASP C 59 11.68 -22.95 11.46
C ASP C 59 12.41 -23.46 12.75
N GLN C 60 13.72 -23.54 12.66
CA GLN C 60 14.54 -23.87 13.79
C GLN C 60 15.19 -22.74 14.49
N PHE C 61 14.81 -21.51 14.17
CA PHE C 61 15.39 -20.34 14.74
C PHE C 61 14.32 -19.42 15.33
N GLU C 62 14.63 -18.80 16.44
CA GLU C 62 13.75 -17.78 16.96
C GLU C 62 14.53 -16.81 17.71
N ILE C 63 13.97 -15.61 17.76
CA ILE C 63 14.49 -14.53 18.52
C ILE C 63 13.51 -14.37 19.71
N VAL C 64 14.06 -14.18 20.90
CA VAL C 64 13.29 -13.67 22.01
C VAL C 64 13.83 -12.36 22.45
N PHE C 65 13.01 -11.32 22.41
CA PHE C 65 13.39 -9.97 22.84
C PHE C 65 13.22 -9.87 24.33
N VAL C 66 14.30 -9.49 25.01
CA VAL C 66 14.29 -9.26 26.43
C VAL C 66 14.45 -7.76 26.66
N SER C 67 13.37 -7.10 27.09
CA SER C 67 13.33 -5.65 27.18
C SER C 67 13.91 -4.96 28.39
N LEU C 68 14.73 -3.92 28.15
CA LEU C 68 15.14 -3.00 29.24
C LEU C 68 14.41 -1.67 29.17
N ASP C 69 13.23 -1.68 28.54
CA ASP C 69 12.32 -0.51 28.48
C ASP C 69 11.73 -0.25 29.91
N HIS C 70 11.36 0.99 30.24
CA HIS C 70 10.89 1.33 31.59
C HIS C 70 9.36 1.20 31.75
N SER C 71 8.66 0.71 30.72
CA SER C 71 7.20 0.59 30.78
C SER C 71 6.71 -0.39 29.75
N GLU C 72 5.51 -0.91 29.96
CA GLU C 72 4.83 -1.81 29.02
C GLU C 72 4.44 -1.05 27.74
N GLU C 73 4.13 0.21 27.87
CA GLU C 73 3.76 0.98 26.73
C GLU C 73 4.99 1.08 25.83
N ASP C 74 6.02 1.75 26.32
CA ASP C 74 7.33 1.93 25.65
C ASP C 74 7.77 0.62 24.96
N LEU C 75 7.62 -0.51 25.67
CA LEU C 75 7.93 -1.87 25.14
C LEU C 75 7.10 -2.22 23.90
N ASN C 76 5.79 -2.06 24.00
CA ASN C 76 4.94 -2.51 22.91
C ASN C 76 5.09 -1.60 21.69
N ASN C 77 5.34 -0.32 21.95
CA ASN C 77 5.54 0.66 20.88
C ASN C 77 6.79 0.30 20.05
N TYR C 78 7.89 0.04 20.77
CA TYR C 78 9.17 -0.45 20.13
C TYR C 78 8.85 -1.68 19.30
N VAL C 79 8.12 -2.62 19.86
CA VAL C 79 7.89 -3.83 19.12
C VAL C 79 7.12 -3.59 17.81
N LYS C 80 6.09 -2.74 17.91
CA LYS C 80 5.27 -2.42 16.73
C LYS C 80 6.10 -1.65 15.68
N GLU C 81 6.78 -0.62 16.10
CA GLU C 81 7.59 0.23 15.20
C GLU C 81 8.68 -0.51 14.43
N SER C 82 9.40 -1.42 15.11
CA SER C 82 10.67 -1.94 14.59
C SER C 82 10.90 -3.45 14.50
N HIS C 83 10.24 -4.22 15.35
CA HIS C 83 10.58 -5.65 15.41
C HIS C 83 9.98 -6.52 14.35
N GLY C 84 10.66 -7.61 14.03
CA GLY C 84 10.08 -8.69 13.30
C GLY C 84 9.09 -9.55 14.12
N ASP C 85 8.53 -10.56 13.50
CA ASP C 85 7.39 -11.33 14.07
C ASP C 85 7.85 -12.48 15.04
N TRP C 86 8.63 -12.12 16.04
CA TRP C 86 9.28 -13.06 16.96
C TRP C 86 8.66 -12.92 18.35
N TYR C 87 9.25 -13.53 19.40
CA TYR C 87 8.69 -13.41 20.76
C TYR C 87 9.35 -12.45 21.68
N HIS C 88 8.62 -12.04 22.70
CA HIS C 88 9.19 -11.27 23.78
C HIS C 88 8.75 -11.78 25.13
N VAL C 89 9.49 -11.34 26.12
CA VAL C 89 9.18 -11.64 27.50
C VAL C 89 8.37 -10.49 28.04
N PRO C 90 7.23 -10.82 28.69
CA PRO C 90 6.29 -9.80 29.08
C PRO C 90 6.89 -8.82 30.05
N PHE C 91 6.48 -7.57 29.94
CA PHE C 91 6.99 -6.54 30.78
C PHE C 91 6.85 -6.90 32.23
N GLY C 92 7.86 -6.52 33.01
CA GLY C 92 7.90 -6.77 34.45
C GLY C 92 8.04 -8.21 34.88
N SER C 93 8.12 -9.18 33.97
CA SER C 93 8.37 -10.58 34.33
C SER C 93 9.71 -10.79 35.05
N SER C 94 9.74 -11.53 36.16
CA SER C 94 10.99 -11.70 36.95
C SER C 94 12.13 -12.36 36.11
N GLU C 95 11.76 -13.07 35.05
CA GLU C 95 12.77 -13.63 34.09
C GLU C 95 13.74 -12.65 33.41
N ILE C 96 13.34 -11.40 33.30
CA ILE C 96 14.23 -10.41 32.71
C ILE C 96 15.53 -10.21 33.51
N GLU C 97 15.49 -9.84 34.80
CA GLU C 97 16.71 -9.59 35.57
C GLU C 97 17.49 -10.90 35.74
N LYS C 98 16.78 -12.01 35.66
CA LYS C 98 17.41 -13.33 35.73
C LYS C 98 18.20 -13.68 34.49
N LEU C 99 17.69 -13.35 33.32
CA LEU C 99 18.47 -13.66 32.11
C LEU C 99 19.62 -12.70 32.00
N LYS C 100 19.43 -11.42 32.37
CA LYS C 100 20.53 -10.46 32.45
C LYS C 100 21.69 -10.94 33.37
N ASN C 101 21.32 -11.45 34.54
CA ASN C 101 22.31 -11.94 35.51
C ASN C 101 22.99 -13.23 34.95
N LYS C 102 22.25 -14.10 34.31
CA LYS C 102 22.79 -15.38 33.88
C LYS C 102 23.74 -15.22 32.72
N TYR C 103 23.37 -14.36 31.76
CA TYR C 103 24.24 -14.06 30.60
C TYR C 103 25.19 -12.87 30.73
N GLU C 104 25.18 -12.25 31.91
CA GLU C 104 26.03 -11.12 32.26
C GLU C 104 25.80 -9.95 31.32
N VAL C 105 24.55 -9.52 31.21
CA VAL C 105 24.17 -8.41 30.30
C VAL C 105 24.20 -7.12 31.07
N ALA C 106 24.87 -6.12 30.53
CA ALA C 106 24.89 -4.77 31.09
C ALA C 106 24.59 -3.79 29.96
N GLY C 107 25.59 -3.56 29.10
CA GLY C 107 25.40 -2.80 27.86
C GLY C 107 24.45 -3.42 26.85
N ILE C 108 23.68 -2.59 26.17
CA ILE C 108 22.81 -3.04 25.08
C ILE C 108 23.03 -2.19 23.79
N PRO C 109 22.74 -2.74 22.62
CA PRO C 109 22.17 -4.01 22.26
C PRO C 109 23.09 -5.21 22.46
N MET C 110 22.50 -6.36 22.79
CA MET C 110 23.28 -7.57 23.03
C MET C 110 22.43 -8.69 22.51
N LEU C 111 23.03 -9.49 21.64
CA LEU C 111 22.36 -10.62 21.03
C LEU C 111 23.15 -11.86 21.29
N ILE C 112 22.60 -12.69 22.15
CA ILE C 112 23.30 -13.85 22.70
C ILE C 112 22.68 -15.03 22.05
N VAL C 113 23.44 -15.77 21.25
CA VAL C 113 22.90 -16.85 20.47
C VAL C 113 23.09 -18.09 21.33
N ILE C 114 21.99 -18.74 21.71
CA ILE C 114 22.05 -19.93 22.55
C ILE C 114 21.51 -21.16 21.90
N LYS C 115 22.04 -22.30 22.34
CA LYS C 115 21.32 -23.59 22.09
C LYS C 115 20.04 -23.55 22.89
N SER C 116 19.11 -24.40 22.51
CA SER C 116 17.86 -24.59 23.23
C SER C 116 18.07 -24.84 24.74
N ASP C 117 19.11 -25.65 25.06
CA ASP C 117 19.49 -25.98 26.47
C ASP C 117 20.17 -24.85 27.20
N GLY C 118 20.45 -23.73 26.50
CA GLY C 118 20.93 -22.57 27.16
C GLY C 118 22.41 -22.32 27.05
N ASN C 119 23.18 -23.32 26.57
CA ASN C 119 24.60 -23.14 26.28
C ASN C 119 24.82 -21.99 25.29
N VAL C 120 25.82 -21.15 25.56
CA VAL C 120 26.16 -20.06 24.67
C VAL C 120 26.80 -20.62 23.40
N ILE C 121 26.25 -20.24 22.26
CA ILE C 121 26.91 -20.49 20.97
C ILE C 121 27.85 -19.30 20.65
N THR C 122 27.35 -18.06 20.68
CA THR C 122 28.22 -16.89 20.72
C THR C 122 27.50 -15.75 21.42
N LYS C 123 28.26 -15.02 22.22
CA LYS C 123 27.77 -13.81 22.81
C LYS C 123 27.78 -12.67 21.74
N ASN C 124 28.48 -12.89 20.63
CA ASN C 124 28.69 -11.83 19.65
C ASN C 124 27.71 -11.90 18.49
N GLY C 125 26.45 -12.21 18.77
CA GLY C 125 25.46 -12.22 17.68
C GLY C 125 25.32 -10.91 16.92
N ARG C 126 25.49 -9.79 17.62
CA ARG C 126 25.35 -8.47 17.01
C ARG C 126 26.39 -8.36 15.83
N ALA C 127 27.63 -8.70 16.09
CA ALA C 127 28.68 -8.62 15.08
C ALA C 127 28.39 -9.60 13.93
N ASP C 128 28.04 -10.81 14.27
CA ASP C 128 27.66 -11.78 13.26
C ASP C 128 26.54 -11.26 12.30
N VAL C 129 25.57 -10.53 12.85
CA VAL C 129 24.38 -10.14 12.09
C VAL C 129 24.68 -8.86 11.33
N SER C 130 25.39 -7.92 11.96
CA SER C 130 25.51 -6.55 11.43
C SER C 130 26.93 -6.24 10.88
N GLY C 131 27.89 -7.10 11.17
CA GLY C 131 29.30 -6.77 10.92
C GLY C 131 30.04 -5.84 11.85
N LYS C 132 29.35 -5.40 12.89
CA LYS C 132 29.78 -4.37 13.79
C LYS C 132 29.42 -4.68 15.26
N ALA C 133 30.20 -4.14 16.18
CA ALA C 133 29.94 -4.11 17.63
C ALA C 133 30.92 -3.18 18.37
N PRO C 134 30.61 -1.90 18.47
CA PRO C 134 31.56 -0.95 19.00
C PRO C 134 32.16 -1.27 20.40
N PRO C 135 31.38 -1.62 21.41
CA PRO C 135 32.07 -1.86 22.70
C PRO C 135 33.11 -2.98 22.69
N GLN C 136 32.83 -4.02 21.94
CA GLN C 136 33.75 -5.17 21.88
C GLN C 136 35.00 -4.82 21.02
N THR C 137 34.80 -4.05 19.95
CA THR C 137 35.89 -3.56 19.17
C THR C 137 36.80 -2.66 19.99
N LEU C 138 36.24 -1.72 20.69
CA LEU C 138 37.10 -0.90 21.55
C LEU C 138 37.85 -1.72 22.61
N SER C 139 37.14 -2.62 23.31
CA SER C 139 37.84 -3.46 24.32
C SER C 139 39.01 -4.16 23.67
N SER C 140 38.91 -4.59 22.44
CA SER C 140 40.04 -5.32 21.92
C SER C 140 41.17 -4.37 21.52
N TRP C 141 40.89 -3.15 21.13
CA TRP C 141 41.92 -2.15 20.94
C TRP C 141 42.67 -1.81 22.25
N LEU C 142 41.91 -1.55 23.29
CA LEU C 142 42.42 -1.25 24.63
C LEU C 142 43.24 -2.41 25.17
N ALA C 143 42.75 -3.63 25.02
CA ALA C 143 43.54 -4.77 25.47
C ALA C 143 44.89 -4.88 24.76
N ALA C 144 45.03 -4.35 23.55
CA ALA C 144 46.33 -4.41 22.85
C ALA C 144 47.15 -3.11 22.96
N ALA C 145 46.73 -2.18 23.82
CA ALA C 145 47.24 -0.81 23.80
C ALA C 145 48.45 -0.65 24.68
C1 GOL D . 7.86 -0.10 9.71
O1 GOL D . 7.44 -0.87 10.83
C2 GOL D . 9.35 0.13 9.63
O2 GOL D . 9.39 1.34 8.84
C3 GOL D . 9.90 -1.15 9.01
O3 GOL D . 9.36 -2.29 9.73
C1 PEG E . -9.11 2.71 -6.47
O1 PEG E . -10.45 2.66 -5.92
C2 PEG E . -8.80 1.94 -7.79
O2 PEG E . -7.92 2.84 -8.62
C3 PEG E . -8.05 3.05 -10.02
C4 PEG E . -8.33 1.83 -10.84
O4 PEG E . -7.34 0.76 -10.82
C1 PEG F . -14.96 13.54 -8.35
O1 PEG F . -14.53 14.81 -8.79
C2 PEG F . -13.69 12.84 -7.90
O2 PEG F . -13.78 12.79 -6.46
C3 PEG F . -14.41 11.55 -6.12
C4 PEG F . -14.34 11.21 -4.63
O4 PEG F . -14.26 9.80 -4.43
C1 PEG G . -16.80 3.18 -4.06
O1 PEG G . -16.15 3.40 -5.33
C2 PEG G . -18.24 2.72 -4.31
O2 PEG G . -18.38 1.32 -3.92
C3 PEG G . -19.43 1.01 -2.99
C4 PEG G . -19.11 -0.25 -2.17
O4 PEG G . -18.23 -0.22 -1.03
#